data_7PWP
#
_entry.id   7PWP
#
_cell.length_a   45.560
_cell.length_b   68.730
_cell.length_c   161.460
_cell.angle_alpha   90.000
_cell.angle_beta   90.000
_cell.angle_gamma   90.000
#
_symmetry.space_group_name_H-M   'P 21 21 21'
#
loop_
_entity.id
_entity.type
_entity.pdbx_description
1 polymer 'Protein mono-ADP-ribosyltransferase PARP15'
2 non-polymer 4-[(3-bromophenyl)methoxy]-2-methoxy-benzamide
3 non-polymer 'DIMETHYL SULFOXIDE'
4 water water
#
_entity_poly.entity_id   1
_entity_poly.type   'polypeptide(L)'
_entity_poly.pdbx_seq_one_letter_code
;MHHHHHHSSGVDLGTENLYFQSMNLPEHWTDMNHQLFCMVQLEPGQSEYNTIKDKFTRTCSSYAIEKIERIQNAFLWQSY
QVKKRQMDIKNDHKNNERLLFHGTDADSVPYVNQHGFNRSCAGKNAVSYGKGTYFAVDASYSAKDTYSKPDSNGRKHMYV
VRVLTGVFTKGRAGLVTPPPKNPHNPTDLFDSVTNNTRSPKLFVVFFDNQAYPEYLITFTA
;
_entity_poly.pdbx_strand_id   A,B
#
loop_
_chem_comp.id
_chem_comp.type
_chem_comp.name
_chem_comp.formula
8BE non-polymer 4-[(3-bromophenyl)methoxy]-2-methoxy-benzamide 'C15 H14 Br N O3'
DMS non-polymer 'DIMETHYL SULFOXIDE' 'C2 H6 O S'
#
# COMPACT_ATOMS: atom_id res chain seq x y z
N ASN A 24 -14.29 13.36 6.13
CA ASN A 24 -14.22 13.82 7.56
C ASN A 24 -12.81 14.36 7.88
N LEU A 25 -12.44 15.54 7.34
CA LEU A 25 -11.09 16.16 7.47
C LEU A 25 -10.96 16.89 8.81
N PRO A 26 -9.76 16.95 9.43
CA PRO A 26 -9.62 17.45 10.81
C PRO A 26 -9.90 18.95 10.99
N GLU A 27 -10.37 19.33 12.19
CA GLU A 27 -10.60 20.74 12.64
C GLU A 27 -9.40 21.62 12.30
N HIS A 28 -8.23 21.33 12.89
CA HIS A 28 -7.04 22.21 12.79
C HIS A 28 -6.74 22.52 11.31
N TRP A 29 -7.11 21.64 10.37
CA TRP A 29 -6.88 21.93 8.94
C TRP A 29 -7.60 23.21 8.57
N THR A 30 -6.99 24.00 7.70
CA THR A 30 -7.56 25.26 7.20
C THR A 30 -8.15 24.97 5.83
N ASP A 31 -9.04 25.85 5.39
CA ASP A 31 -9.92 25.71 4.20
C ASP A 31 -9.09 25.51 2.95
N MET A 32 -9.51 24.62 2.05
CA MET A 32 -8.70 24.26 0.85
C MET A 32 -9.38 24.73 -0.44
N ASN A 33 -10.47 25.50 -0.34
CA ASN A 33 -11.24 25.99 -1.50
C ASN A 33 -11.51 24.83 -2.45
N HIS A 34 -12.00 23.69 -1.94
CA HIS A 34 -12.41 22.53 -2.77
C HIS A 34 -11.19 21.98 -3.53
N GLN A 35 -10.02 21.97 -2.90
CA GLN A 35 -8.81 21.26 -3.38
C GLN A 35 -8.45 20.16 -2.40
N LEU A 36 -7.71 19.17 -2.88
CA LEU A 36 -7.44 17.89 -2.17
C LEU A 36 -6.03 17.87 -1.54
N PHE A 37 -5.13 18.81 -1.89
CA PHE A 37 -3.74 18.90 -1.35
C PHE A 37 -3.29 20.36 -1.16
N CYS A 38 -2.85 20.75 0.04
CA CYS A 38 -1.95 21.93 0.20
C CYS A 38 -1.01 21.78 1.40
N MET A 39 0.10 22.49 1.32
CA MET A 39 1.08 22.72 2.42
C MET A 39 0.75 24.09 3.03
N VAL A 40 0.50 24.14 4.34
CA VAL A 40 0.12 25.39 5.05
C VAL A 40 1.25 25.70 6.01
N GLN A 41 1.94 26.83 5.80
CA GLN A 41 3.00 27.29 6.71
C GLN A 41 2.38 27.65 8.04
N LEU A 42 2.88 27.11 9.16
CA LEU A 42 2.35 27.47 10.50
C LEU A 42 2.85 28.86 10.90
N GLU A 43 2.00 29.64 11.54
CA GLU A 43 2.37 30.91 12.23
C GLU A 43 3.20 30.56 13.46
N PRO A 44 4.47 31.04 13.55
CA PRO A 44 5.25 30.91 14.78
C PRO A 44 4.47 31.48 15.98
N GLY A 45 4.79 30.98 17.17
CA GLY A 45 4.23 31.46 18.44
C GLY A 45 2.85 30.89 18.71
N GLN A 46 2.16 30.32 17.71
CA GLN A 46 0.78 29.80 17.95
C GLN A 46 0.85 28.36 18.44
N SER A 47 -0.20 27.98 19.15
CA SER A 47 -0.43 26.66 19.81
C SER A 47 0.14 25.50 18.98
N GLU A 48 -0.19 25.43 17.69
CA GLU A 48 0.07 24.23 16.85
C GLU A 48 1.58 24.18 16.53
N TYR A 49 2.15 25.31 16.08
CA TYR A 49 3.59 25.49 15.81
C TYR A 49 4.36 25.14 17.10
N ASN A 50 4.02 25.71 18.25
CA ASN A 50 4.83 25.54 19.49
C ASN A 50 4.88 24.05 19.84
N THR A 51 3.72 23.39 19.82
CA THR A 51 3.57 21.95 20.07
C THR A 51 4.60 21.18 19.24
N ILE A 52 4.66 21.43 17.93
CA ILE A 52 5.53 20.69 16.97
C ILE A 52 6.99 21.07 17.24
N LYS A 53 7.31 22.37 17.35
CA LYS A 53 8.64 22.90 17.73
C LYS A 53 9.16 22.15 18.97
N ASP A 54 8.37 22.07 20.04
CA ASP A 54 8.79 21.43 21.32
C ASP A 54 9.12 19.95 21.09
N LYS A 55 8.37 19.26 20.22
CA LYS A 55 8.61 17.82 19.96
C LYS A 55 9.99 17.65 19.32
N PHE A 56 10.33 18.57 18.43
CA PHE A 56 11.63 18.63 17.72
C PHE A 56 12.75 19.02 18.69
N THR A 57 12.55 20.08 19.48
CA THR A 57 13.64 20.75 20.25
C THR A 57 14.03 19.88 21.43
N ARG A 58 13.12 19.02 21.89
CA ARG A 58 13.37 17.93 22.87
C ARG A 58 14.77 17.34 22.68
N THR A 59 15.20 17.14 21.42
CA THR A 59 16.47 16.47 21.07
C THR A 59 17.27 17.28 20.03
N CYS A 60 16.70 18.32 19.41
CA CYS A 60 17.33 19.11 18.33
C CYS A 60 17.38 20.61 18.67
N SER A 61 17.68 20.99 19.91
CA SER A 61 17.60 22.40 20.37
C SER A 61 18.78 23.18 19.83
N SER A 62 19.81 22.50 19.34
CA SER A 62 21.01 23.15 18.77
C SER A 62 20.75 23.49 17.31
N TYR A 63 19.62 23.04 16.73
CA TYR A 63 19.27 23.25 15.29
C TYR A 63 18.37 24.48 15.16
N ALA A 64 18.44 25.19 14.01
CA ALA A 64 17.59 26.36 13.72
C ALA A 64 16.45 25.94 12.79
N ILE A 65 15.22 26.14 13.26
CA ILE A 65 13.96 25.92 12.52
C ILE A 65 13.71 27.12 11.61
N GLU A 66 13.74 26.90 10.31
CA GLU A 66 13.31 27.91 9.31
C GLU A 66 11.78 27.94 9.23
N LYS A 67 11.10 26.78 9.21
CA LYS A 67 9.62 26.79 9.16
C LYS A 67 9.06 25.40 9.34
N ILE A 68 7.76 25.36 9.66
CA ILE A 68 6.96 24.12 9.85
C ILE A 68 5.71 24.29 9.01
N GLU A 69 5.47 23.33 8.12
CA GLU A 69 4.28 23.28 7.23
C GLU A 69 3.41 22.10 7.69
N ARG A 70 2.09 22.33 7.76
CA ARG A 70 1.09 21.25 7.96
C ARG A 70 0.79 20.62 6.60
N ILE A 71 0.92 19.29 6.47
CA ILE A 71 0.58 18.59 5.20
C ILE A 71 -0.92 18.32 5.20
N GLN A 72 -1.66 18.96 4.30
CA GLN A 72 -3.12 18.69 4.15
C GLN A 72 -3.29 17.89 2.87
N ASN A 73 -3.29 16.56 3.00
CA ASN A 73 -3.46 15.61 1.88
C ASN A 73 -4.66 14.72 2.22
N ALA A 74 -5.83 15.10 1.68
CA ALA A 74 -7.14 14.46 1.94
C ALA A 74 -7.07 12.96 1.62
N PHE A 75 -6.58 12.58 0.43
CA PHE A 75 -6.48 11.17 -0.03
C PHE A 75 -5.58 10.37 0.92
N LEU A 76 -4.38 10.87 1.20
CA LEU A 76 -3.44 10.16 2.14
C LEU A 76 -4.13 10.02 3.48
N TRP A 77 -4.80 11.07 3.93
CA TRP A 77 -5.52 11.07 5.22
C TRP A 77 -6.63 10.00 5.25
N GLN A 78 -7.42 9.86 4.18
CA GLN A 78 -8.60 8.97 4.22
C GLN A 78 -8.08 7.53 4.32
N SER A 79 -7.11 7.20 3.48
CA SER A 79 -6.47 5.86 3.45
C SER A 79 -5.80 5.54 4.79
N TYR A 80 -5.09 6.51 5.38
CA TYR A 80 -4.51 6.32 6.73
C TYR A 80 -5.61 6.05 7.76
N GLN A 81 -6.69 6.85 7.75
CA GLN A 81 -7.74 6.80 8.80
C GLN A 81 -8.47 5.45 8.70
N VAL A 82 -8.70 4.96 7.48
CA VAL A 82 -9.35 3.65 7.26
C VAL A 82 -8.48 2.58 7.89
N LYS A 83 -7.18 2.63 7.66
CA LYS A 83 -6.23 1.66 8.24
C LYS A 83 -6.26 1.79 9.78
N LYS A 84 -6.37 3.00 10.32
CA LYS A 84 -6.39 3.21 11.79
C LYS A 84 -7.63 2.53 12.38
N ARG A 85 -8.77 2.63 11.71
CA ARG A 85 -10.04 2.08 12.23
C ARG A 85 -9.97 0.56 12.17
N GLN A 86 -9.42 0.01 11.08
CA GLN A 86 -9.17 -1.44 10.92
C GLN A 86 -8.26 -1.92 12.06
N MET A 87 -7.17 -1.22 12.32
CA MET A 87 -6.19 -1.70 13.34
C MET A 87 -6.80 -1.55 14.73
N ASP A 88 -7.59 -0.51 15.00
CA ASP A 88 -8.28 -0.32 16.32
C ASP A 88 -9.26 -1.49 16.57
N ILE A 89 -10.00 -1.91 15.54
CA ILE A 89 -10.90 -3.09 15.62
C ILE A 89 -10.06 -4.36 15.81
N LYS A 90 -9.03 -4.56 14.98
CA LYS A 90 -8.18 -5.77 14.99
C LYS A 90 -7.55 -5.96 16.36
N ASN A 91 -7.01 -4.90 16.95
CA ASN A 91 -6.21 -4.95 18.19
C ASN A 91 -7.13 -4.69 19.38
N ASP A 92 -8.41 -4.39 19.14
CA ASP A 92 -9.47 -4.25 20.17
C ASP A 92 -9.03 -3.23 21.22
N HIS A 93 -8.40 -2.15 20.77
CA HIS A 93 -8.01 -0.97 21.60
C HIS A 93 -7.59 0.12 20.62
N LYS A 94 -7.47 1.37 21.11
CA LYS A 94 -6.71 2.46 20.45
C LYS A 94 -5.25 2.25 20.87
N ASN A 95 -4.47 3.32 21.04
CA ASN A 95 -3.03 3.20 21.38
C ASN A 95 -2.30 2.46 20.24
N ASN A 96 -2.77 2.56 19.00
CA ASN A 96 -2.08 1.92 17.85
C ASN A 96 -1.12 2.92 17.19
N GLU A 97 -1.33 4.21 17.46
CA GLU A 97 -0.71 5.36 16.77
C GLU A 97 0.38 6.00 17.66
N ARG A 98 1.52 6.34 17.05
CA ARG A 98 2.67 7.11 17.60
C ARG A 98 3.08 8.21 16.64
N LEU A 99 3.65 9.28 17.19
CA LEU A 99 4.16 10.44 16.44
C LEU A 99 5.67 10.25 16.36
N LEU A 100 6.20 10.03 15.15
CA LEU A 100 7.63 9.71 14.93
C LEU A 100 8.21 10.65 13.88
N PHE A 101 9.52 10.55 13.65
CA PHE A 101 10.26 11.48 12.76
C PHE A 101 10.77 10.71 11.55
N HIS A 102 10.85 11.39 10.42
CA HIS A 102 11.47 10.83 9.20
C HIS A 102 12.25 11.94 8.49
N GLY A 103 13.59 11.85 8.47
CA GLY A 103 14.46 12.76 7.70
C GLY A 103 14.51 12.27 6.27
N THR A 104 14.51 13.18 5.31
CA THR A 104 14.66 12.83 3.88
C THR A 104 15.38 13.97 3.15
N ASP A 105 15.98 13.64 2.01
CA ASP A 105 16.60 14.61 1.07
C ASP A 105 15.48 15.43 0.46
N ALA A 106 15.82 16.65 0.02
CA ALA A 106 14.90 17.65 -0.58
C ALA A 106 14.18 17.10 -1.82
N ASP A 107 14.81 16.21 -2.58
CA ASP A 107 14.28 15.75 -3.89
C ASP A 107 13.17 14.72 -3.65
N SER A 108 13.03 14.18 -2.43
CA SER A 108 11.94 13.22 -2.06
C SER A 108 10.73 13.94 -1.47
N VAL A 109 10.90 15.20 -1.05
CA VAL A 109 9.85 15.96 -0.32
C VAL A 109 8.56 16.05 -1.12
N PRO A 110 8.56 16.49 -2.39
CA PRO A 110 7.32 16.54 -3.16
C PRO A 110 6.59 15.19 -3.23
N TYR A 111 7.32 14.13 -3.52
CA TYR A 111 6.71 12.78 -3.64
C TYR A 111 6.04 12.41 -2.32
N VAL A 112 6.73 12.58 -1.19
CA VAL A 112 6.21 12.19 0.14
C VAL A 112 4.99 13.04 0.44
N ASN A 113 5.03 14.34 0.11
CA ASN A 113 3.91 15.29 0.35
C ASN A 113 2.63 14.75 -0.30
N GLN A 114 2.75 14.23 -1.53
CA GLN A 114 1.64 13.76 -2.37
C GLN A 114 1.35 12.27 -2.07
N HIS A 115 2.37 11.43 -1.99
CA HIS A 115 2.17 9.95 -2.03
C HIS A 115 2.54 9.28 -0.70
N GLY A 116 3.10 10.00 0.27
CA GLY A 116 3.50 9.41 1.55
C GLY A 116 4.72 8.52 1.36
N PHE A 117 4.88 7.55 2.26
CA PHE A 117 6.09 6.70 2.40
C PHE A 117 5.91 5.40 1.58
N ASN A 118 6.91 5.11 0.76
CA ASN A 118 6.90 3.98 -0.21
C ASN A 118 8.13 3.15 0.09
N ARG A 119 7.94 1.91 0.57
CA ARG A 119 9.06 1.01 0.91
C ARG A 119 9.93 0.67 -0.32
N SER A 120 9.44 0.80 -1.57
CA SER A 120 10.22 0.47 -2.81
C SER A 120 11.31 1.52 -3.18
N CYS A 121 11.35 2.67 -2.49
CA CYS A 121 12.20 3.85 -2.85
C CYS A 121 13.43 3.92 -1.94
N ALA A 126 20.50 1.19 4.73
CA ALA A 126 20.58 0.17 5.80
C ALA A 126 19.16 -0.19 6.26
N VAL A 127 18.76 -1.44 5.98
CA VAL A 127 17.44 -2.04 6.31
C VAL A 127 17.68 -3.30 7.17
N SER A 128 18.52 -3.10 8.19
CA SER A 128 18.95 -4.08 9.21
C SER A 128 17.77 -4.69 9.94
N TYR A 129 16.64 -3.98 10.07
CA TYR A 129 15.47 -4.50 10.81
C TYR A 129 14.33 -4.80 9.85
N GLY A 130 14.53 -4.62 8.54
CA GLY A 130 13.66 -5.18 7.49
C GLY A 130 13.44 -4.22 6.35
N LYS A 131 12.86 -4.69 5.24
CA LYS A 131 12.64 -3.85 4.04
C LYS A 131 11.31 -3.11 4.15
N GLY A 132 11.23 -2.15 5.06
CA GLY A 132 10.11 -1.21 5.20
C GLY A 132 10.58 0.22 5.24
N THR A 133 9.68 1.11 5.66
CA THR A 133 9.98 2.54 5.88
C THR A 133 10.34 2.72 7.35
N TYR A 134 11.40 3.45 7.62
CA TYR A 134 11.93 3.61 8.99
C TYR A 134 11.46 4.95 9.55
N PHE A 135 11.21 4.99 10.86
CA PHE A 135 10.78 6.17 11.61
C PHE A 135 11.52 6.17 12.96
N ALA A 136 11.99 7.32 13.41
CA ALA A 136 12.78 7.50 14.65
C ALA A 136 11.87 8.01 15.76
N VAL A 137 12.05 7.52 16.99
CA VAL A 137 11.44 8.12 18.21
C VAL A 137 11.97 9.55 18.44
N ASP A 138 13.25 9.80 18.19
CA ASP A 138 13.93 11.09 18.49
C ASP A 138 14.29 11.83 17.20
N ALA A 139 13.94 13.12 17.10
CA ALA A 139 14.28 14.02 15.97
C ALA A 139 15.79 13.97 15.69
N SER A 140 16.60 13.90 16.75
CA SER A 140 18.07 13.88 16.65
C SER A 140 18.53 12.69 15.80
N TYR A 141 17.84 11.57 15.83
CA TYR A 141 18.23 10.43 14.97
C TYR A 141 17.97 10.78 13.50
N SER A 142 16.79 11.33 13.19
CA SER A 142 16.35 11.72 11.82
C SER A 142 17.14 12.95 11.34
N ALA A 143 17.76 13.70 12.26
CA ALA A 143 18.55 14.94 11.94
C ALA A 143 19.95 14.59 11.42
N LYS A 144 20.39 13.34 11.51
CA LYS A 144 21.66 12.90 10.89
C LYS A 144 21.61 13.18 9.37
N ASP A 145 22.75 13.60 8.80
CA ASP A 145 22.89 14.07 7.40
C ASP A 145 22.64 12.91 6.45
N THR A 146 22.83 11.68 6.92
CA THR A 146 22.53 10.43 6.17
C THR A 146 21.02 10.31 5.88
N TYR A 147 20.12 10.91 6.68
CA TYR A 147 18.65 10.85 6.42
C TYR A 147 18.16 12.21 5.95
N SER A 148 18.35 13.26 6.76
CA SER A 148 17.97 14.66 6.39
C SER A 148 19.17 15.31 5.70
N LYS A 149 19.48 14.86 4.47
CA LYS A 149 20.62 15.32 3.62
C LYS A 149 20.53 16.83 3.44
N PRO A 150 21.53 17.61 3.89
CA PRO A 150 21.52 19.05 3.68
C PRO A 150 21.41 19.29 2.17
N ASP A 151 20.57 20.23 1.74
CA ASP A 151 20.49 20.62 0.30
C ASP A 151 21.60 21.65 0.06
N SER A 152 21.75 22.10 -1.19
CA SER A 152 22.86 22.98 -1.63
C SER A 152 23.07 24.14 -0.64
N ASN A 153 22.00 24.58 0.05
CA ASN A 153 21.98 25.74 0.98
C ASN A 153 22.11 25.33 2.45
N GLY A 154 22.21 24.04 2.77
CA GLY A 154 22.33 23.56 4.17
C GLY A 154 20.96 23.35 4.81
N ARG A 155 19.89 23.48 4.02
CA ARG A 155 18.51 23.22 4.47
C ARG A 155 18.33 21.70 4.61
N LYS A 156 17.91 21.28 5.80
CA LYS A 156 17.56 19.89 6.15
C LYS A 156 16.02 19.76 6.25
N HIS A 157 15.48 18.55 6.01
CA HIS A 157 14.01 18.30 6.00
C HIS A 157 13.69 17.06 6.81
N MET A 158 12.73 17.19 7.71
CA MET A 158 12.28 16.07 8.54
C MET A 158 10.77 16.17 8.68
N TYR A 159 10.10 15.03 8.52
CA TYR A 159 8.64 14.92 8.70
C TYR A 159 8.36 14.52 10.14
N VAL A 160 7.26 15.04 10.67
CA VAL A 160 6.58 14.51 11.89
C VAL A 160 5.40 13.69 11.37
N VAL A 161 5.35 12.42 11.75
CA VAL A 161 4.57 11.37 11.04
C VAL A 161 3.71 10.67 12.06
N ARG A 162 2.42 10.56 11.76
CA ARG A 162 1.54 9.61 12.47
C ARG A 162 1.78 8.20 11.96
N VAL A 163 2.22 7.31 12.82
CA VAL A 163 2.51 5.91 12.40
C VAL A 163 1.66 4.94 13.19
N LEU A 164 1.01 4.02 12.47
CA LEU A 164 0.27 2.87 13.07
C LEU A 164 1.27 1.77 13.41
N THR A 165 1.98 1.95 14.54
CA THR A 165 2.94 0.98 15.11
C THR A 165 2.18 -0.23 15.67
N GLY A 166 0.96 -0.05 16.15
CA GLY A 166 0.14 -1.14 16.71
C GLY A 166 0.94 -2.03 17.64
N VAL A 167 0.72 -3.35 17.56
CA VAL A 167 1.47 -4.38 18.30
C VAL A 167 2.76 -4.69 17.53
N PHE A 168 3.91 -4.58 18.21
CA PHE A 168 5.24 -4.62 17.52
C PHE A 168 6.12 -5.68 18.17
N THR A 169 7.12 -6.13 17.41
CA THR A 169 8.12 -7.12 17.85
C THR A 169 9.48 -6.68 17.33
N LYS A 170 10.55 -7.31 17.82
CA LYS A 170 11.90 -7.06 17.31
C LYS A 170 11.95 -7.52 15.85
N GLY A 171 12.56 -6.71 15.00
CA GLY A 171 12.73 -7.07 13.59
C GLY A 171 14.10 -7.67 13.40
N ARG A 172 14.46 -7.87 12.14
CA ARG A 172 15.72 -8.51 11.68
C ARG A 172 15.77 -8.33 10.17
N ALA A 173 16.95 -8.52 9.59
CA ALA A 173 17.24 -8.23 8.18
C ALA A 173 16.43 -9.18 7.30
N GLY A 174 15.95 -8.69 6.18
CA GLY A 174 15.24 -9.47 5.16
C GLY A 174 13.72 -9.50 5.32
N LEU A 175 13.14 -9.12 6.45
CA LEU A 175 11.64 -9.10 6.57
C LEU A 175 11.09 -8.27 5.40
N VAL A 176 10.08 -8.79 4.70
CA VAL A 176 9.31 -8.02 3.67
C VAL A 176 7.95 -7.61 4.25
N THR A 177 7.48 -8.31 5.28
CA THR A 177 6.34 -7.87 6.13
C THR A 177 6.73 -8.15 7.58
N PRO A 178 5.95 -7.70 8.57
CA PRO A 178 6.26 -8.06 9.96
C PRO A 178 6.05 -9.56 10.16
N PRO A 179 6.60 -10.14 11.25
CA PRO A 179 6.44 -11.56 11.54
C PRO A 179 5.02 -11.88 12.05
N PRO A 180 4.61 -13.16 12.01
CA PRO A 180 3.36 -13.59 12.64
C PRO A 180 3.46 -13.53 14.17
N LYS A 181 2.35 -13.22 14.86
CA LYS A 181 2.27 -13.22 16.35
C LYS A 181 2.44 -14.65 16.87
N ASN A 182 2.03 -15.62 16.08
CA ASN A 182 2.13 -17.06 16.40
C ASN A 182 2.29 -17.80 15.08
N PRO A 183 3.39 -18.56 14.87
CA PRO A 183 3.56 -19.31 13.63
C PRO A 183 2.55 -20.46 13.44
N HIS A 184 1.73 -20.78 14.45
CA HIS A 184 0.49 -21.58 14.26
C HIS A 184 -0.46 -20.85 13.31
N ASN A 185 -0.58 -19.51 13.42
CA ASN A 185 -1.40 -18.64 12.53
C ASN A 185 -0.47 -17.73 11.73
N PRO A 186 0.01 -18.20 10.55
CA PRO A 186 1.02 -17.49 9.78
C PRO A 186 0.64 -16.13 9.16
N THR A 187 -0.65 -15.78 9.06
CA THR A 187 -1.07 -14.53 8.38
C THR A 187 -1.62 -13.50 9.37
N ASP A 188 -1.72 -13.85 10.64
CA ASP A 188 -2.04 -12.87 11.71
C ASP A 188 -0.72 -12.26 12.17
N LEU A 189 -0.40 -11.09 11.64
CA LEU A 189 0.94 -10.45 11.77
C LEU A 189 0.93 -9.40 12.88
N PHE A 190 2.11 -9.15 13.45
CA PHE A 190 2.45 -7.86 14.12
C PHE A 190 2.23 -6.71 13.12
N ASP A 191 1.95 -5.52 13.64
CA ASP A 191 1.66 -4.30 12.84
C ASP A 191 2.96 -3.63 12.39
N SER A 192 3.99 -3.73 13.21
CA SER A 192 5.32 -3.11 12.96
C SER A 192 6.40 -3.93 13.69
N VAL A 193 7.65 -3.60 13.40
CA VAL A 193 8.87 -4.13 14.08
C VAL A 193 9.68 -2.96 14.58
N THR A 194 10.50 -3.25 15.60
CA THR A 194 11.36 -2.24 16.29
C THR A 194 12.79 -2.80 16.43
N ASN A 195 13.74 -1.95 16.80
CA ASN A 195 15.11 -2.37 17.23
C ASN A 195 15.06 -3.04 18.62
N ASN A 196 14.13 -2.62 19.48
CA ASN A 196 14.13 -2.99 20.92
C ASN A 196 12.71 -2.78 21.45
N THR A 197 12.06 -3.85 21.94
CA THR A 197 10.62 -3.85 22.28
C THR A 197 10.41 -3.15 23.62
N ARG A 198 11.33 -3.30 24.56
CA ARG A 198 11.21 -2.67 25.90
C ARG A 198 11.48 -1.16 25.76
N SER A 199 12.46 -0.75 24.97
CA SER A 199 12.78 0.69 24.82
C SER A 199 13.07 1.05 23.37
N PRO A 200 12.04 1.22 22.52
CA PRO A 200 12.27 1.37 21.08
C PRO A 200 12.81 2.74 20.69
N LYS A 201 13.72 2.76 19.73
CA LYS A 201 14.24 4.03 19.17
C LYS A 201 13.88 4.14 17.71
N LEU A 202 13.39 3.08 17.09
CA LEU A 202 12.94 3.15 15.69
C LEU A 202 11.82 2.14 15.44
N PHE A 203 10.99 2.45 14.43
CA PHE A 203 9.89 1.57 13.98
C PHE A 203 10.00 1.47 12.45
N VAL A 204 9.71 0.28 11.97
CA VAL A 204 9.66 -0.03 10.51
C VAL A 204 8.23 -0.48 10.25
N VAL A 205 7.61 0.08 9.20
CA VAL A 205 6.26 -0.37 8.72
C VAL A 205 6.46 -0.79 7.26
N PHE A 206 5.63 -1.73 6.81
CA PHE A 206 5.83 -2.49 5.55
C PHE A 206 4.66 -2.31 4.58
N PHE A 207 3.67 -1.48 4.92
CA PHE A 207 2.43 -1.27 4.13
C PHE A 207 2.15 0.22 3.92
N ASP A 208 1.76 0.57 2.70
CA ASP A 208 1.30 1.92 2.32
C ASP A 208 0.18 2.30 3.29
N ASN A 209 0.08 3.56 3.63
CA ASN A 209 -1.12 4.07 4.35
C ASN A 209 -1.08 3.63 5.82
N GLN A 210 0.08 3.18 6.30
CA GLN A 210 0.30 2.94 7.76
C GLN A 210 0.95 4.17 8.41
N ALA A 211 1.39 5.14 7.61
CA ALA A 211 2.06 6.41 8.00
C ALA A 211 1.42 7.59 7.27
N TYR A 212 1.06 8.65 8.01
CA TYR A 212 0.62 9.95 7.45
C TYR A 212 1.64 11.03 7.76
N PRO A 213 2.26 11.64 6.72
CA PRO A 213 3.16 12.77 6.92
C PRO A 213 2.35 14.01 7.33
N GLU A 214 2.49 14.45 8.59
CA GLU A 214 1.57 15.45 9.19
C GLU A 214 2.19 16.86 9.18
N TYR A 215 3.51 16.97 9.41
CA TYR A 215 4.25 18.26 9.39
C TYR A 215 5.61 18.06 8.73
N LEU A 216 6.06 19.05 7.96
CA LEU A 216 7.43 19.14 7.43
C LEU A 216 8.16 20.28 8.13
N ILE A 217 9.26 19.93 8.79
CA ILE A 217 10.23 20.88 9.43
C ILE A 217 11.38 21.12 8.47
N THR A 218 11.59 22.39 8.10
CA THR A 218 12.75 22.84 7.31
C THR A 218 13.65 23.54 8.32
N PHE A 219 14.92 23.12 8.43
CA PHE A 219 15.84 23.54 9.51
C PHE A 219 17.28 23.42 9.05
N THR A 220 18.21 23.87 9.91
CA THR A 220 19.66 23.92 9.62
C THR A 220 20.43 23.57 10.89
N ALA A 221 21.71 23.24 10.72
CA ALA A 221 22.62 22.80 11.79
C ALA A 221 23.03 24.00 12.65
N ASN B 24 -19.77 -0.91 4.96
CA ASN B 24 -20.32 -0.63 3.59
C ASN B 24 -20.17 -1.86 2.69
N LEU B 25 -20.29 -3.08 3.22
CA LEU B 25 -19.97 -4.33 2.48
C LEU B 25 -21.05 -4.61 1.44
N PRO B 26 -20.75 -5.18 0.25
CA PRO B 26 -21.79 -5.44 -0.76
C PRO B 26 -22.92 -6.36 -0.25
N GLU B 27 -24.17 -6.06 -0.62
CA GLU B 27 -25.39 -6.72 -0.05
C GLU B 27 -25.54 -8.18 -0.50
N HIS B 28 -24.93 -8.61 -1.60
CA HIS B 28 -25.02 -10.01 -2.09
C HIS B 28 -24.06 -10.91 -1.31
N TRP B 29 -23.10 -10.37 -0.56
CA TRP B 29 -22.19 -11.19 0.30
C TRP B 29 -23.02 -11.94 1.34
N THR B 30 -22.60 -13.15 1.64
CA THR B 30 -22.91 -13.93 2.86
C THR B 30 -22.76 -13.06 4.12
N ASP B 31 -23.69 -13.19 5.04
CA ASP B 31 -23.54 -12.65 6.41
C ASP B 31 -22.26 -13.26 6.96
N MET B 32 -21.39 -12.46 7.55
CA MET B 32 -20.12 -13.02 8.09
C MET B 32 -20.17 -13.09 9.61
N ASN B 33 -21.27 -12.63 10.23
CA ASN B 33 -21.44 -12.83 11.69
C ASN B 33 -20.26 -12.15 12.39
N HIS B 34 -20.09 -10.85 12.14
CA HIS B 34 -18.98 -10.02 12.70
C HIS B 34 -17.60 -10.62 12.35
N GLN B 35 -17.52 -11.74 11.61
CA GLN B 35 -16.24 -12.22 11.00
C GLN B 35 -15.83 -11.22 9.89
N LEU B 36 -14.53 -11.02 9.72
CA LEU B 36 -13.95 -10.00 8.82
C LEU B 36 -13.51 -10.66 7.50
N PHE B 37 -13.57 -12.00 7.44
CA PHE B 37 -13.03 -12.77 6.29
C PHE B 37 -13.78 -14.09 6.13
N CYS B 38 -14.08 -14.46 4.87
CA CYS B 38 -14.86 -15.65 4.52
C CYS B 38 -14.57 -16.01 3.05
N MET B 39 -14.37 -17.29 2.76
CA MET B 39 -14.37 -17.86 1.38
C MET B 39 -15.72 -18.53 1.17
N VAL B 40 -16.42 -18.20 0.08
CA VAL B 40 -17.79 -18.72 -0.17
C VAL B 40 -17.77 -19.49 -1.50
N GLN B 41 -18.03 -20.77 -1.40
CA GLN B 41 -18.01 -21.70 -2.55
C GLN B 41 -19.21 -21.40 -3.44
N LEU B 42 -18.98 -21.10 -4.71
CA LEU B 42 -20.08 -20.87 -5.67
C LEU B 42 -20.63 -22.19 -6.23
N GLU B 43 -21.86 -22.12 -6.74
CA GLU B 43 -22.57 -23.27 -7.34
C GLU B 43 -22.55 -23.12 -8.87
N PRO B 44 -22.04 -24.11 -9.62
CA PRO B 44 -22.28 -24.15 -11.08
C PRO B 44 -23.76 -23.86 -11.37
N GLY B 45 -24.06 -23.18 -12.46
CA GLY B 45 -25.46 -22.82 -12.77
C GLY B 45 -25.85 -21.43 -12.27
N GLN B 46 -25.32 -20.96 -11.15
CA GLN B 46 -25.40 -19.54 -10.76
C GLN B 46 -24.69 -18.68 -11.82
N SER B 47 -25.31 -17.58 -12.24
CA SER B 47 -24.74 -16.54 -13.12
C SER B 47 -23.36 -16.15 -12.56
N GLU B 48 -23.24 -15.99 -11.26
CA GLU B 48 -21.98 -15.55 -10.65
C GLU B 48 -20.89 -16.57 -11.00
N TYR B 49 -21.17 -17.87 -10.87
CA TYR B 49 -20.20 -18.95 -11.19
C TYR B 49 -19.95 -18.94 -12.69
N ASN B 50 -21.03 -18.96 -13.49
CA ASN B 50 -20.89 -19.16 -14.96
C ASN B 50 -20.07 -18.02 -15.57
N THR B 51 -20.24 -16.75 -15.14
CA THR B 51 -19.53 -15.63 -15.79
C THR B 51 -18.02 -15.85 -15.61
N ILE B 52 -17.57 -16.19 -14.38
CA ILE B 52 -16.15 -16.47 -14.10
C ILE B 52 -15.69 -17.69 -14.90
N LYS B 53 -16.41 -18.81 -14.84
CA LYS B 53 -16.04 -20.03 -15.61
C LYS B 53 -15.91 -19.69 -17.09
N ASP B 54 -16.80 -18.88 -17.67
CA ASP B 54 -16.72 -18.49 -19.10
C ASP B 54 -15.52 -17.56 -19.35
N LYS B 55 -15.21 -16.66 -18.43
CA LYS B 55 -14.06 -15.74 -18.58
C LYS B 55 -12.76 -16.57 -18.61
N PHE B 56 -12.71 -17.63 -17.82
CA PHE B 56 -11.55 -18.54 -17.73
C PHE B 56 -11.44 -19.40 -19.00
N THR B 57 -12.52 -20.07 -19.40
CA THR B 57 -12.48 -21.14 -20.45
C THR B 57 -12.33 -20.48 -21.82
N ARG B 58 -12.66 -19.19 -21.90
CA ARG B 58 -12.31 -18.34 -23.07
C ARG B 58 -10.90 -18.71 -23.53
N THR B 59 -9.91 -18.82 -22.64
CA THR B 59 -8.49 -19.02 -23.05
C THR B 59 -7.86 -20.27 -22.40
N CYS B 60 -8.52 -20.98 -21.49
CA CYS B 60 -8.00 -22.23 -20.87
C CYS B 60 -9.03 -23.35 -20.97
N SER B 61 -9.53 -23.59 -22.18
CA SER B 61 -10.53 -24.66 -22.45
C SER B 61 -9.90 -26.03 -22.18
N SER B 62 -8.56 -26.16 -22.20
CA SER B 62 -7.85 -27.45 -21.95
C SER B 62 -7.82 -27.80 -20.44
N TYR B 63 -8.12 -26.87 -19.54
CA TYR B 63 -8.10 -27.12 -18.07
C TYR B 63 -9.54 -27.37 -17.62
N ALA B 64 -9.70 -27.83 -16.37
CA ALA B 64 -11.01 -28.07 -15.75
C ALA B 64 -11.03 -27.46 -14.36
N ILE B 65 -12.11 -26.74 -14.05
CA ILE B 65 -12.31 -26.04 -12.75
C ILE B 65 -12.79 -27.05 -11.70
N GLU B 66 -12.07 -27.15 -10.59
CA GLU B 66 -12.54 -27.89 -9.41
C GLU B 66 -13.59 -27.03 -8.71
N LYS B 67 -13.24 -25.79 -8.37
CA LYS B 67 -14.17 -24.89 -7.66
C LYS B 67 -13.82 -23.41 -7.83
N ILE B 68 -14.80 -22.56 -7.53
CA ILE B 68 -14.72 -21.07 -7.54
C ILE B 68 -15.26 -20.59 -6.18
N GLU B 69 -14.39 -19.96 -5.42
CA GLU B 69 -14.74 -19.36 -4.12
C GLU B 69 -14.75 -17.84 -4.30
N ARG B 70 -15.84 -17.17 -3.90
CA ARG B 70 -15.85 -15.70 -3.73
C ARG B 70 -15.08 -15.33 -2.46
N ILE B 71 -14.17 -14.35 -2.54
CA ILE B 71 -13.37 -13.90 -1.37
C ILE B 71 -14.09 -12.73 -0.73
N GLN B 72 -14.55 -12.88 0.52
CA GLN B 72 -15.18 -11.79 1.31
C GLN B 72 -14.15 -11.39 2.39
N ASN B 73 -13.36 -10.36 2.06
CA ASN B 73 -12.33 -9.76 2.94
C ASN B 73 -12.71 -8.31 3.17
N ALA B 74 -13.28 -7.99 4.34
CA ALA B 74 -13.90 -6.67 4.62
C ALA B 74 -12.85 -5.55 4.57
N PHE B 75 -11.67 -5.78 5.16
CA PHE B 75 -10.61 -4.76 5.26
C PHE B 75 -10.03 -4.51 3.86
N LEU B 76 -9.68 -5.56 3.13
CA LEU B 76 -9.18 -5.39 1.73
C LEU B 76 -10.22 -4.62 0.93
N TRP B 77 -11.49 -5.02 1.06
CA TRP B 77 -12.60 -4.39 0.32
C TRP B 77 -12.63 -2.88 0.60
N GLN B 78 -12.58 -2.48 1.87
CA GLN B 78 -12.76 -1.07 2.30
C GLN B 78 -11.62 -0.21 1.74
N SER B 79 -10.39 -0.68 1.90
CA SER B 79 -9.17 0.03 1.44
C SER B 79 -9.21 0.11 -0.09
N TYR B 80 -9.52 -0.98 -0.76
CA TYR B 80 -9.70 -0.98 -2.24
C TYR B 80 -10.73 0.08 -2.64
N GLN B 81 -11.93 0.09 -2.04
CA GLN B 81 -13.06 0.94 -2.56
C GLN B 81 -12.68 2.41 -2.33
N VAL B 82 -11.98 2.69 -1.24
CA VAL B 82 -11.42 4.05 -0.98
C VAL B 82 -10.47 4.46 -2.11
N LYS B 83 -9.49 3.61 -2.47
CA LYS B 83 -8.56 3.94 -3.58
C LYS B 83 -9.34 4.12 -4.88
N LYS B 84 -10.39 3.34 -5.10
CA LYS B 84 -11.15 3.43 -6.37
C LYS B 84 -11.89 4.78 -6.41
N ARG B 85 -12.46 5.20 -5.27
CA ARG B 85 -13.24 6.46 -5.23
CA ARG B 85 -13.24 6.46 -5.23
C ARG B 85 -12.27 7.60 -5.54
N GLN B 86 -11.07 7.52 -4.97
CA GLN B 86 -9.99 8.52 -5.17
C GLN B 86 -9.58 8.55 -6.64
N MET B 87 -9.41 7.41 -7.28
CA MET B 87 -8.98 7.37 -8.70
C MET B 87 -10.15 7.84 -9.60
N ASP B 88 -11.38 7.52 -9.27
CA ASP B 88 -12.58 8.02 -10.02
C ASP B 88 -12.61 9.56 -9.95
N ILE B 89 -12.43 10.14 -8.76
CA ILE B 89 -12.39 11.62 -8.61
C ILE B 89 -11.22 12.16 -9.42
N LYS B 90 -10.01 11.60 -9.21
CA LYS B 90 -8.75 12.16 -9.78
C LYS B 90 -8.81 12.14 -11.32
N ASN B 91 -9.25 11.06 -11.93
CA ASN B 91 -9.18 10.88 -13.40
C ASN B 91 -10.47 11.39 -14.06
N ASP B 92 -11.51 11.65 -13.27
CA ASP B 92 -12.77 12.31 -13.68
C ASP B 92 -13.28 11.64 -14.97
N HIS B 93 -14.27 10.76 -14.85
CA HIS B 93 -14.96 10.05 -15.97
C HIS B 93 -13.98 9.04 -16.58
N LYS B 94 -13.72 7.96 -15.87
CA LYS B 94 -13.01 6.78 -16.45
C LYS B 94 -13.64 5.49 -15.93
N ASN B 95 -13.43 4.45 -16.73
CA ASN B 95 -13.38 3.03 -16.30
C ASN B 95 -11.95 2.84 -15.80
N ASN B 96 -11.74 2.99 -14.49
CA ASN B 96 -10.41 2.82 -13.87
C ASN B 96 -10.19 1.35 -13.49
N GLU B 97 -11.24 0.53 -13.50
CA GLU B 97 -11.19 -0.85 -12.96
C GLU B 97 -11.29 -1.88 -14.09
N ARG B 98 -10.41 -2.88 -14.07
CA ARG B 98 -10.48 -4.03 -14.99
C ARG B 98 -10.60 -5.31 -14.16
N LEU B 99 -11.17 -6.35 -14.74
CA LEU B 99 -11.22 -7.67 -14.09
C LEU B 99 -10.12 -8.50 -14.70
N LEU B 100 -9.08 -8.82 -13.92
CA LEU B 100 -7.87 -9.50 -14.44
C LEU B 100 -7.54 -10.77 -13.64
N PHE B 101 -6.55 -11.53 -14.11
CA PHE B 101 -6.17 -12.84 -13.55
C PHE B 101 -4.78 -12.77 -12.89
N HIS B 102 -4.56 -13.59 -11.89
CA HIS B 102 -3.24 -13.70 -11.20
C HIS B 102 -3.05 -15.16 -10.75
N GLY B 103 -2.19 -15.91 -11.42
CA GLY B 103 -1.78 -17.26 -11.00
C GLY B 103 -0.72 -17.15 -9.92
N THR B 104 -0.82 -17.94 -8.86
CA THR B 104 0.20 -18.04 -7.80
C THR B 104 0.32 -19.50 -7.32
N ASP B 105 1.33 -19.76 -6.50
CA ASP B 105 1.56 -21.05 -5.82
C ASP B 105 0.62 -21.15 -4.62
N ALA B 106 0.33 -22.37 -4.19
CA ALA B 106 -0.54 -22.74 -3.05
C ALA B 106 0.01 -22.14 -1.75
N ASP B 107 1.33 -21.99 -1.59
CA ASP B 107 1.92 -21.44 -0.33
C ASP B 107 1.53 -19.96 -0.17
N SER B 108 1.25 -19.23 -1.28
CA SER B 108 0.93 -17.76 -1.27
C SER B 108 -0.56 -17.51 -1.03
N VAL B 109 -1.44 -18.50 -1.24
CA VAL B 109 -2.92 -18.33 -1.25
C VAL B 109 -3.40 -17.85 0.12
N PRO B 110 -2.98 -18.45 1.25
CA PRO B 110 -3.39 -17.96 2.56
C PRO B 110 -3.11 -16.45 2.73
N TYR B 111 -1.93 -15.99 2.33
CA TYR B 111 -1.48 -14.59 2.53
C TYR B 111 -2.29 -13.66 1.62
N VAL B 112 -2.44 -14.01 0.33
CA VAL B 112 -3.22 -13.18 -0.64
C VAL B 112 -4.65 -13.06 -0.15
N ASN B 113 -5.24 -14.17 0.29
CA ASN B 113 -6.64 -14.21 0.81
C ASN B 113 -6.84 -13.18 1.92
N GLN B 114 -5.94 -13.12 2.91
CA GLN B 114 -6.03 -12.20 4.08
C GLN B 114 -5.51 -10.82 3.70
N HIS B 115 -4.38 -10.70 2.97
CA HIS B 115 -3.59 -9.43 2.93
C HIS B 115 -3.47 -8.86 1.53
N GLY B 116 -3.96 -9.58 0.51
CA GLY B 116 -3.91 -9.13 -0.89
C GLY B 116 -2.52 -9.23 -1.50
N PHE B 117 -2.23 -8.31 -2.41
CA PHE B 117 -1.14 -8.41 -3.40
C PHE B 117 -0.06 -7.45 -2.94
N ASN B 118 1.12 -8.01 -2.66
CA ASN B 118 2.23 -7.33 -1.97
C ASN B 118 3.41 -7.33 -2.96
N ARG B 119 3.69 -6.19 -3.59
CA ARG B 119 4.75 -6.02 -4.63
C ARG B 119 6.12 -6.55 -4.16
N SER B 120 6.43 -6.45 -2.85
CA SER B 120 7.70 -6.89 -2.19
C SER B 120 7.85 -8.43 -2.19
N CYS B 121 6.77 -9.17 -2.48
CA CYS B 121 6.71 -10.66 -2.57
C CYS B 121 6.73 -11.09 -4.06
N ALA B 122 6.74 -10.13 -5.01
CA ALA B 122 6.49 -10.34 -6.46
C ALA B 122 7.68 -11.05 -7.13
N GLY B 123 7.39 -12.07 -7.94
CA GLY B 123 8.38 -12.73 -8.82
C GLY B 123 8.76 -11.82 -9.97
N LYS B 124 10.04 -11.81 -10.36
CA LYS B 124 10.43 -11.13 -11.63
C LYS B 124 9.73 -11.92 -12.74
N ASN B 125 9.12 -11.20 -13.67
CA ASN B 125 8.29 -11.77 -14.77
C ASN B 125 9.26 -11.99 -15.93
N ALA B 126 9.01 -12.99 -16.76
CA ALA B 126 9.91 -13.35 -17.88
C ALA B 126 10.13 -12.15 -18.83
N VAL B 127 9.10 -11.31 -19.05
CA VAL B 127 9.22 -9.97 -19.73
C VAL B 127 8.80 -8.92 -18.70
N SER B 128 9.76 -8.23 -18.10
CA SER B 128 9.46 -7.29 -16.99
C SER B 128 9.11 -5.93 -17.58
N TYR B 129 7.95 -5.39 -17.21
CA TYR B 129 7.56 -3.99 -17.52
C TYR B 129 7.51 -3.17 -16.24
N GLY B 130 8.12 -3.69 -15.18
CA GLY B 130 8.32 -2.93 -13.93
C GLY B 130 8.39 -3.88 -12.76
N LYS B 131 8.88 -3.39 -11.62
CA LYS B 131 9.01 -4.17 -10.38
C LYS B 131 7.75 -3.91 -9.55
N GLY B 132 6.69 -4.62 -9.85
CA GLY B 132 5.41 -4.55 -9.13
C GLY B 132 4.65 -5.85 -9.27
N THR B 133 3.34 -5.80 -9.00
CA THR B 133 2.47 -6.99 -9.08
C THR B 133 1.84 -7.03 -10.48
N TYR B 134 1.89 -8.20 -11.10
CA TYR B 134 1.46 -8.44 -12.50
C TYR B 134 0.07 -9.07 -12.48
N PHE B 135 -0.76 -8.66 -13.45
CA PHE B 135 -2.12 -9.17 -13.68
C PHE B 135 -2.28 -9.42 -15.17
N ALA B 136 -2.92 -10.51 -15.58
CA ALA B 136 -3.07 -10.84 -17.01
C ALA B 136 -4.50 -10.56 -17.46
N VAL B 137 -4.63 -10.18 -18.71
CA VAL B 137 -5.95 -10.04 -19.39
C VAL B 137 -6.54 -11.42 -19.62
N ASP B 138 -5.69 -12.38 -20.01
CA ASP B 138 -6.11 -13.75 -20.42
C ASP B 138 -5.75 -14.74 -19.32
N ALA B 139 -6.70 -15.62 -18.95
CA ALA B 139 -6.48 -16.74 -18.02
C ALA B 139 -5.31 -17.61 -18.47
N SER B 140 -5.16 -17.84 -19.77
CA SER B 140 -4.10 -18.72 -20.35
C SER B 140 -2.73 -18.30 -19.85
N TYR B 141 -2.47 -16.99 -19.78
CA TYR B 141 -1.16 -16.46 -19.32
C TYR B 141 -0.95 -16.87 -17.86
N SER B 142 -1.93 -16.63 -17.01
CA SER B 142 -1.87 -16.96 -15.56
C SER B 142 -1.89 -18.50 -15.37
N ALA B 143 -2.32 -19.30 -16.36
CA ALA B 143 -2.44 -20.78 -16.24
C ALA B 143 -1.08 -21.48 -16.40
N LYS B 144 -0.06 -20.75 -16.81
CA LYS B 144 1.29 -21.32 -17.00
C LYS B 144 1.80 -21.76 -15.63
N ASP B 145 2.60 -22.82 -15.60
CA ASP B 145 3.05 -23.49 -14.37
C ASP B 145 3.96 -22.52 -13.61
N THR B 146 4.58 -21.59 -14.33
CA THR B 146 5.53 -20.60 -13.79
C THR B 146 4.80 -19.65 -12.82
N TYR B 147 3.49 -19.44 -12.98
CA TYR B 147 2.67 -18.61 -12.06
C TYR B 147 1.73 -19.50 -11.21
N SER B 148 0.75 -20.17 -11.85
CA SER B 148 -0.19 -21.09 -11.16
C SER B 148 0.51 -22.43 -10.96
N LYS B 149 1.48 -22.49 -10.07
CA LYS B 149 2.33 -23.69 -9.89
C LYS B 149 1.49 -24.84 -9.33
N PRO B 150 1.46 -26.00 -9.99
CA PRO B 150 0.68 -27.15 -9.51
C PRO B 150 1.17 -27.54 -8.11
N ASP B 151 0.26 -27.68 -7.15
CA ASP B 151 0.61 -28.18 -5.80
C ASP B 151 0.88 -29.70 -5.86
N SER B 152 1.23 -30.32 -4.73
CA SER B 152 1.53 -31.77 -4.63
C SER B 152 0.34 -32.61 -5.13
N ASN B 153 -0.91 -32.11 -5.13
CA ASN B 153 -2.10 -32.85 -5.62
C ASN B 153 -2.50 -32.47 -7.06
N GLY B 154 -1.67 -31.71 -7.77
CA GLY B 154 -1.99 -31.25 -9.14
C GLY B 154 -2.95 -30.06 -9.18
N ARG B 155 -3.17 -29.38 -8.07
CA ARG B 155 -4.11 -28.22 -8.07
C ARG B 155 -3.36 -26.94 -8.46
N LYS B 156 -3.88 -26.25 -9.47
CA LYS B 156 -3.45 -24.91 -9.89
C LYS B 156 -4.43 -23.86 -9.32
N HIS B 157 -3.90 -22.69 -8.91
CA HIS B 157 -4.67 -21.60 -8.27
C HIS B 157 -4.50 -20.30 -9.05
N MET B 158 -5.62 -19.64 -9.35
CA MET B 158 -5.65 -18.37 -10.10
C MET B 158 -6.71 -17.49 -9.46
N TYR B 159 -6.33 -16.26 -9.13
CA TYR B 159 -7.27 -15.24 -8.61
C TYR B 159 -7.91 -14.51 -9.80
N VAL B 160 -9.18 -14.15 -9.62
CA VAL B 160 -9.85 -13.14 -10.47
C VAL B 160 -9.91 -11.86 -9.62
N VAL B 161 -9.40 -10.75 -10.17
CA VAL B 161 -8.98 -9.54 -9.39
C VAL B 161 -9.58 -8.29 -10.02
N ARG B 162 -10.20 -7.44 -9.20
CA ARG B 162 -10.51 -6.06 -9.62
C ARG B 162 -9.24 -5.27 -9.39
N VAL B 163 -8.71 -4.69 -10.46
CA VAL B 163 -7.41 -3.97 -10.51
C VAL B 163 -7.63 -2.56 -10.99
N LEU B 164 -7.17 -1.57 -10.21
CA LEU B 164 -7.36 -0.15 -10.58
C LEU B 164 -6.24 0.22 -11.57
N THR B 165 -6.47 -0.03 -12.88
CA THR B 165 -5.50 0.17 -13.98
C THR B 165 -5.46 1.66 -14.32
N GLY B 166 -6.58 2.36 -14.08
CA GLY B 166 -6.71 3.80 -14.35
C GLY B 166 -6.12 4.20 -15.69
N VAL B 167 -5.32 5.28 -15.71
CA VAL B 167 -4.58 5.74 -16.92
C VAL B 167 -3.20 5.07 -16.92
N PHE B 168 -2.83 4.45 -18.03
CA PHE B 168 -1.68 3.52 -18.11
C PHE B 168 -0.83 3.83 -19.32
N THR B 169 0.44 3.42 -19.26
CA THR B 169 1.42 3.59 -20.37
C THR B 169 2.24 2.33 -20.44
N LYS B 170 3.05 2.21 -21.48
CA LYS B 170 3.97 1.06 -21.63
C LYS B 170 5.03 1.18 -20.55
N GLY B 171 5.26 0.12 -19.78
CA GLY B 171 6.20 0.18 -18.67
C GLY B 171 7.60 -0.14 -19.16
N ARG B 172 8.55 -0.18 -18.23
CA ARG B 172 9.99 -0.40 -18.45
CA ARG B 172 9.98 -0.47 -18.49
C ARG B 172 10.52 -1.16 -17.23
N ALA B 173 11.44 -2.10 -17.45
CA ALA B 173 11.98 -3.00 -16.42
C ALA B 173 12.43 -2.24 -15.16
N GLY B 174 12.91 -1.00 -15.30
CA GLY B 174 13.50 -0.27 -14.15
C GLY B 174 12.47 0.28 -13.18
N LEU B 175 11.17 0.32 -13.53
CA LEU B 175 10.16 1.11 -12.75
C LEU B 175 9.98 0.52 -11.35
N VAL B 176 10.06 1.33 -10.29
CA VAL B 176 9.62 0.92 -8.92
C VAL B 176 8.27 1.57 -8.59
N THR B 177 7.91 2.66 -9.28
CA THR B 177 6.55 3.28 -9.26
C THR B 177 6.14 3.48 -10.70
N PRO B 178 4.88 3.80 -11.04
CA PRO B 178 4.54 4.08 -12.42
C PRO B 178 5.23 5.39 -12.78
N PRO B 179 5.40 5.66 -14.09
CA PRO B 179 6.19 6.81 -14.51
C PRO B 179 5.37 8.09 -14.37
N PRO B 180 6.00 9.28 -14.40
CA PRO B 180 5.21 10.51 -14.44
C PRO B 180 4.51 10.67 -15.81
N LYS B 181 3.32 11.24 -15.86
CA LYS B 181 2.67 11.57 -17.17
C LYS B 181 3.46 12.69 -17.86
N ASN B 182 4.13 13.51 -17.07
CA ASN B 182 4.82 14.73 -17.52
C ASN B 182 6.14 14.85 -16.79
N PRO B 183 7.28 14.77 -17.52
CA PRO B 183 8.61 14.80 -16.90
C PRO B 183 8.91 16.08 -16.12
N HIS B 184 8.19 17.18 -16.35
CA HIS B 184 8.37 18.43 -15.57
C HIS B 184 7.44 18.46 -14.35
N ASN B 185 6.69 17.39 -14.09
CA ASN B 185 5.86 17.27 -12.86
C ASN B 185 6.00 15.82 -12.40
N PRO B 186 7.16 15.48 -11.83
CA PRO B 186 7.48 14.09 -11.53
C PRO B 186 6.51 13.37 -10.56
N THR B 187 5.69 14.07 -9.75
CA THR B 187 4.82 13.36 -8.75
C THR B 187 3.40 13.13 -9.29
N ASP B 188 3.08 13.54 -10.51
CA ASP B 188 1.73 13.29 -11.07
C ASP B 188 1.85 12.07 -11.98
N LEU B 189 1.46 10.88 -11.47
CA LEU B 189 1.88 9.56 -12.00
C LEU B 189 0.80 8.98 -12.89
N PHE B 190 1.19 8.11 -13.82
CA PHE B 190 0.27 7.09 -14.40
C PHE B 190 -0.25 6.19 -13.26
N ASP B 191 -1.40 5.53 -13.41
CA ASP B 191 -1.96 4.64 -12.36
C ASP B 191 -1.34 3.24 -12.39
N SER B 192 -1.08 2.72 -13.59
CA SER B 192 -0.48 1.39 -13.82
C SER B 192 0.40 1.43 -15.07
N VAL B 193 1.13 0.35 -15.37
CA VAL B 193 1.76 0.20 -16.70
C VAL B 193 1.34 -1.10 -17.36
N THR B 194 1.60 -1.19 -18.65
CA THR B 194 1.16 -2.32 -19.49
C THR B 194 2.33 -2.75 -20.38
N ASN B 195 2.16 -3.86 -21.10
CA ASN B 195 3.14 -4.40 -22.08
C ASN B 195 2.96 -3.65 -23.42
N ASN B 196 1.74 -3.26 -23.76
CA ASN B 196 1.38 -2.66 -25.07
C ASN B 196 0.11 -1.84 -24.85
N THR B 197 0.10 -0.53 -25.14
CA THR B 197 -1.09 0.33 -24.82
C THR B 197 -2.25 0.02 -25.78
N ARG B 198 -1.95 -0.36 -27.02
CA ARG B 198 -2.99 -0.62 -28.07
C ARG B 198 -3.61 -2.00 -27.87
N SER B 199 -2.79 -3.04 -27.61
CA SER B 199 -3.24 -4.40 -27.23
C SER B 199 -2.71 -4.80 -25.85
N PRO B 200 -3.25 -4.26 -24.75
CA PRO B 200 -2.73 -4.59 -23.42
C PRO B 200 -3.10 -6.04 -23.06
N LYS B 201 -2.12 -6.83 -22.62
CA LYS B 201 -2.31 -8.24 -22.18
C LYS B 201 -1.77 -8.45 -20.76
N LEU B 202 -1.08 -7.50 -20.16
CA LEU B 202 -0.83 -7.56 -18.70
C LEU B 202 -0.74 -6.14 -18.13
N PHE B 203 -0.94 -6.04 -16.84
CA PHE B 203 -0.87 -4.75 -16.10
C PHE B 203 0.01 -4.97 -14.88
N VAL B 204 0.69 -3.89 -14.50
CA VAL B 204 1.61 -3.91 -13.32
C VAL B 204 1.14 -2.78 -12.45
N VAL B 205 1.05 -3.04 -11.15
CA VAL B 205 0.65 -2.00 -10.18
C VAL B 205 1.68 -2.04 -9.06
N PHE B 206 1.90 -0.85 -8.49
CA PHE B 206 3.07 -0.55 -7.64
C PHE B 206 2.61 -0.14 -6.24
N PHE B 207 1.31 -0.18 -5.96
CA PHE B 207 0.75 0.26 -4.63
C PHE B 207 -0.21 -0.79 -4.03
N ASP B 208 -0.17 -0.84 -2.70
CA ASP B 208 -1.12 -1.58 -1.85
C ASP B 208 -2.55 -1.10 -2.13
N ASN B 209 -3.51 -2.00 -2.04
CA ASN B 209 -4.96 -1.68 -2.11
C ASN B 209 -5.34 -1.16 -3.52
N GLN B 210 -4.57 -1.51 -4.57
CA GLN B 210 -4.90 -1.15 -5.98
C GLN B 210 -5.54 -2.36 -6.69
N ALA B 211 -5.58 -3.49 -5.99
CA ALA B 211 -6.07 -4.81 -6.45
C ALA B 211 -6.93 -5.44 -5.36
N TYR B 212 -8.13 -5.92 -5.67
CA TYR B 212 -8.97 -6.70 -4.74
C TYR B 212 -9.12 -8.11 -5.30
N PRO B 213 -8.66 -9.14 -4.55
CA PRO B 213 -8.80 -10.54 -4.98
C PRO B 213 -10.25 -10.95 -4.75
N GLU B 214 -11.06 -11.11 -5.81
CA GLU B 214 -12.53 -11.29 -5.69
C GLU B 214 -12.89 -12.78 -5.65
N TYR B 215 -12.19 -13.58 -6.44
CA TYR B 215 -12.46 -15.02 -6.63
C TYR B 215 -11.14 -15.76 -6.75
N LEU B 216 -11.15 -16.99 -6.23
CA LEU B 216 -10.07 -17.98 -6.37
C LEU B 216 -10.65 -19.16 -7.13
N ILE B 217 -10.04 -19.43 -8.27
CA ILE B 217 -10.31 -20.63 -9.11
C ILE B 217 -9.27 -21.68 -8.73
N THR B 218 -9.72 -22.83 -8.26
CA THR B 218 -8.87 -24.03 -8.15
C THR B 218 -9.17 -24.89 -9.37
N PHE B 219 -8.15 -25.26 -10.13
CA PHE B 219 -8.31 -26.03 -11.38
C PHE B 219 -7.18 -27.06 -11.49
N THR B 220 -7.34 -27.96 -12.46
CA THR B 220 -6.49 -29.14 -12.72
C THR B 220 -6.45 -29.33 -14.23
N ALA B 221 -5.42 -30.02 -14.74
CA ALA B 221 -5.47 -30.65 -16.08
C ALA B 221 -6.53 -31.77 -16.06
C4 8BE C . 16.59 4.91 10.54
C14 8BE C . 15.49 7.14 9.36
C5 8BE C . 18.03 3.01 10.27
C6 8BE C . 18.78 2.08 11.19
C11 8BE C . 19.29 2.58 12.37
C7 8BE C . 18.91 0.73 10.90
C8 8BE C . 19.59 -0.08 11.78
C9 8BE C . 20.12 0.42 12.96
C10 8BE C . 19.96 1.76 13.24
C12 8BE C . 16.07 5.91 11.34
C13 8BE C . 15.54 7.02 10.75
N1 8BE C . 14.79 8.56 7.53
C3 8BE C . 16.55 5.00 9.16
C1 8BE C . 16.20 5.11 6.36
O1 8BE C . 15.93 6.25 7.19
C2 8BE C . 16.01 6.11 8.55
O2 8BE C . 17.13 3.79 11.09
BR1 8BE C . 20.66 2.51 14.86
C15 8BE C . 14.92 8.40 8.85
O3 8BE C . 14.63 9.30 9.67
S DMS D . 0.23 -13.45 -13.34
O DMS D . -0.62 -14.68 -13.45
C1 DMS D . 1.38 -13.47 -14.68
C2 DMS D . 1.39 -13.77 -12.02
#